data_1JQA
#
_entry.id   1JQA
#
_cell.length_a   105.910
_cell.length_b   105.910
_cell.length_c   149.500
_cell.angle_alpha   90.00
_cell.angle_beta   90.00
_cell.angle_gamma   90.00
#
_symmetry.space_group_name_H-M   'I 4 2 2'
#
loop_
_entity.id
_entity.type
_entity.pdbx_description
1 polymer 'Glycerol Dehydrogenase'
2 non-polymer 'ZINC ION'
3 non-polymer GLYCEROL
4 water water
#
_entity_poly.entity_id   1
_entity_poly.type   'polypeptide(L)'
_entity_poly.pdbx_seq_one_letter_code
;MAAERVFISPAKYVQGKNVITKIANYLEGIGNKTVVIADEIVWKIAGHTIVNELKKGNIAAEEVVFSGEASRNEVERIAN
IARKAEAAIVIGVGGGKTLDTAKAVADELDAYIVIVPTAASTDAPTSALSVIYSDDGVFESYRFYKKNPDLVLVDTKIIA
NAPPRLLASGIADALATWVEARSVIKSGGKTMAGGIPTIAAEAIAEKCEQTLFKYGKLAYESVKAKVVTPALEAVVEANT
LLSGLGFESGGLAAAHAIHNGFTALEGEIHHLTHGEKVAFGTLVQLALEEHSQQEIERYIELYLCLDLPVTLEDIKLKDA
SREDILKVAKAATAEGETIHNAFNVTADDVADAIFAADQYAKAYKEKHRK
;
_entity_poly.pdbx_strand_id   A
#
loop_
_chem_comp.id
_chem_comp.type
_chem_comp.name
_chem_comp.formula
GOL non-polymer GLYCEROL 'C3 H8 O3'
ZN non-polymer 'ZINC ION' 'Zn 2'
#
# COMPACT_ATOMS: atom_id res chain seq x y z
N ALA A 3 -24.42 12.63 9.59
CA ALA A 3 -22.98 12.98 9.77
C ALA A 3 -22.34 13.48 8.47
N GLU A 4 -21.12 13.98 8.59
CA GLU A 4 -20.42 14.52 7.44
C GLU A 4 -19.62 13.51 6.66
N ARG A 5 -19.65 13.67 5.35
CA ARG A 5 -18.88 12.79 4.47
C ARG A 5 -17.61 13.57 4.08
N VAL A 6 -16.47 12.88 4.03
CA VAL A 6 -15.22 13.55 3.73
C VAL A 6 -14.44 12.77 2.69
N PHE A 7 -13.87 13.49 1.72
CA PHE A 7 -13.03 12.85 0.68
C PHE A 7 -11.75 13.66 0.53
N ILE A 8 -10.60 12.99 0.56
CA ILE A 8 -9.33 13.65 0.36
C ILE A 8 -8.58 12.93 -0.77
N SER A 9 -7.62 13.62 -1.36
CA SER A 9 -6.87 13.10 -2.50
C SER A 9 -5.53 13.81 -2.77
N PRO A 10 -4.59 13.12 -3.44
CA PRO A 10 -3.31 13.75 -3.78
C PRO A 10 -3.72 14.79 -4.84
N ALA A 11 -2.95 15.87 -5.00
CA ALA A 11 -3.37 16.89 -5.99
C ALA A 11 -3.36 16.44 -7.45
N LYS A 12 -2.41 15.58 -7.82
CA LYS A 12 -2.29 15.17 -9.20
C LYS A 12 -1.66 13.78 -9.35
N TYR A 13 -2.26 12.97 -10.22
CA TYR A 13 -1.77 11.63 -10.43
C TYR A 13 -1.54 11.46 -11.92
N VAL A 14 -0.34 10.99 -12.27
CA VAL A 14 0.09 10.85 -13.64
C VAL A 14 0.67 9.46 -13.82
N GLN A 15 0.17 8.73 -14.81
CA GLN A 15 0.65 7.38 -15.05
C GLN A 15 0.81 7.11 -16.54
N GLY A 16 1.90 6.41 -16.91
CA GLY A 16 2.12 6.07 -18.30
C GLY A 16 3.52 5.47 -18.49
N LYS A 17 3.73 4.91 -19.67
CA LYS A 17 5.04 4.29 -20.01
C LYS A 17 6.08 5.42 -20.18
N ASN A 18 7.24 5.31 -19.52
CA ASN A 18 8.33 6.29 -19.63
C ASN A 18 8.01 7.73 -19.18
N VAL A 19 7.02 7.92 -18.32
CA VAL A 19 6.71 9.30 -17.91
C VAL A 19 7.81 9.89 -17.04
N ILE A 20 8.71 9.05 -16.53
CA ILE A 20 9.78 9.56 -15.68
C ILE A 20 10.63 10.51 -16.52
N THR A 21 10.58 10.36 -17.84
CA THR A 21 11.34 11.22 -18.75
C THR A 21 10.76 12.62 -18.88
N LYS A 22 9.61 12.88 -18.27
CA LYS A 22 9.02 14.22 -18.37
C LYS A 22 8.97 14.90 -17.02
N ILE A 23 9.77 14.41 -16.07
CA ILE A 23 9.76 15.00 -14.75
C ILE A 23 10.07 16.49 -14.77
N ALA A 24 11.08 16.88 -15.56
CA ALA A 24 11.46 18.30 -15.65
C ALA A 24 10.28 19.11 -16.18
N ASN A 25 9.47 18.48 -17.03
CA ASN A 25 8.30 19.15 -17.59
C ASN A 25 7.23 19.46 -16.56
N TYR A 26 6.93 18.47 -15.71
CA TYR A 26 5.90 18.68 -14.72
C TYR A 26 6.32 19.68 -13.64
N LEU A 27 7.63 19.85 -13.46
CA LEU A 27 8.12 20.75 -12.43
C LEU A 27 8.37 22.18 -12.89
N GLU A 28 8.02 22.46 -14.14
CA GLU A 28 8.24 23.79 -14.72
C GLU A 28 7.95 24.98 -13.79
N GLY A 29 6.69 25.41 -13.71
CA GLY A 29 6.37 26.57 -12.87
C GLY A 29 6.41 26.35 -11.37
N ILE A 30 7.21 25.40 -10.91
CA ILE A 30 7.30 25.13 -9.49
C ILE A 30 8.62 25.59 -8.88
N GLY A 31 9.73 25.22 -9.51
CA GLY A 31 11.03 25.62 -8.99
C GLY A 31 12.19 25.02 -9.77
N ASN A 32 13.42 25.29 -9.33
CA ASN A 32 14.62 24.78 -10.00
C ASN A 32 15.62 24.08 -9.07
N LYS A 33 15.29 23.99 -7.80
CA LYS A 33 16.17 23.31 -6.86
C LYS A 33 15.39 22.21 -6.16
N THR A 34 15.93 21.00 -6.17
CA THR A 34 15.27 19.87 -5.56
C THR A 34 16.26 19.02 -4.81
N VAL A 35 15.72 18.10 -4.02
CA VAL A 35 16.48 17.12 -3.25
C VAL A 35 15.85 15.79 -3.68
N VAL A 36 16.68 14.82 -4.03
CA VAL A 36 16.20 13.51 -4.47
C VAL A 36 16.62 12.43 -3.50
N ILE A 37 15.64 11.71 -2.98
CA ILE A 37 15.89 10.67 -2.01
C ILE A 37 15.66 9.24 -2.53
N ALA A 38 16.66 8.39 -2.37
CA ALA A 38 16.54 7.00 -2.80
C ALA A 38 17.65 6.16 -2.18
N ASP A 39 17.43 4.86 -2.07
CA ASP A 39 18.45 3.98 -1.50
C ASP A 39 19.43 3.56 -2.61
N GLU A 40 20.50 2.88 -2.20
CA GLU A 40 21.55 2.44 -3.12
C GLU A 40 21.05 1.72 -4.36
N ILE A 41 20.20 0.70 -4.18
CA ILE A 41 19.67 -0.04 -5.31
C ILE A 41 18.86 0.82 -6.27
N VAL A 42 17.93 1.61 -5.73
CA VAL A 42 17.08 2.48 -6.57
C VAL A 42 17.86 3.59 -7.29
N TRP A 43 18.99 4.04 -6.74
CA TRP A 43 19.76 5.06 -7.46
C TRP A 43 20.12 4.52 -8.84
N LYS A 44 20.40 3.22 -8.90
CA LYS A 44 20.77 2.60 -10.17
C LYS A 44 19.55 2.41 -11.06
N ILE A 45 18.49 1.85 -10.50
CA ILE A 45 17.23 1.59 -11.23
C ILE A 45 16.60 2.82 -11.90
N ALA A 46 16.41 3.89 -11.13
CA ALA A 46 15.77 5.08 -11.66
C ALA A 46 16.33 6.39 -11.17
N GLY A 47 17.02 6.34 -10.03
CA GLY A 47 17.58 7.52 -9.42
C GLY A 47 18.43 8.38 -10.33
N HIS A 48 19.45 7.79 -10.94
CA HIS A 48 20.33 8.54 -11.85
C HIS A 48 19.58 9.06 -13.07
N THR A 49 18.63 8.28 -13.58
CA THR A 49 17.84 8.74 -14.72
C THR A 49 17.07 10.01 -14.36
N ILE A 50 16.55 10.06 -13.13
CA ILE A 50 15.79 11.26 -12.73
C ILE A 50 16.69 12.48 -12.61
N VAL A 51 17.84 12.31 -11.94
CA VAL A 51 18.77 13.44 -11.82
C VAL A 51 19.14 13.97 -13.21
N ASN A 52 19.54 13.07 -14.10
CA ASN A 52 19.92 13.46 -15.46
C ASN A 52 18.85 14.25 -16.21
N GLU A 53 17.58 13.89 -16.02
CA GLU A 53 16.46 14.57 -16.68
C GLU A 53 16.27 15.95 -16.10
N LEU A 54 16.53 16.09 -14.79
CA LEU A 54 16.39 17.37 -14.12
C LEU A 54 17.50 18.33 -14.53
N LYS A 55 18.71 17.79 -14.70
CA LYS A 55 19.85 18.59 -15.11
C LYS A 55 19.59 19.15 -16.50
N LYS A 56 19.11 18.30 -17.40
CA LYS A 56 18.79 18.75 -18.76
C LYS A 56 17.87 19.95 -18.75
N GLY A 57 17.10 20.12 -17.68
CA GLY A 57 16.18 21.24 -17.60
C GLY A 57 16.66 22.34 -16.67
N ASN A 58 17.96 22.35 -16.40
CA ASN A 58 18.55 23.36 -15.51
C ASN A 58 17.99 23.31 -14.09
N ILE A 59 17.54 22.13 -13.68
CA ILE A 59 17.01 21.98 -12.34
C ILE A 59 18.05 21.33 -11.44
N ALA A 60 18.44 22.05 -10.39
CA ALA A 60 19.42 21.54 -9.43
C ALA A 60 18.87 20.33 -8.71
N ALA A 61 19.75 19.40 -8.34
CA ALA A 61 19.32 18.19 -7.68
C ALA A 61 20.30 17.63 -6.65
N GLU A 62 20.02 17.84 -5.38
CA GLU A 62 20.87 17.30 -4.30
C GLU A 62 20.61 15.80 -4.16
N GLU A 63 21.61 14.97 -4.46
CA GLU A 63 21.42 13.53 -4.39
C GLU A 63 21.63 12.88 -3.03
N VAL A 64 20.53 12.51 -2.37
CA VAL A 64 20.58 11.87 -1.05
C VAL A 64 20.44 10.33 -1.11
N VAL A 65 21.23 9.61 -0.31
CA VAL A 65 21.15 8.15 -0.27
C VAL A 65 20.46 7.73 1.02
N PHE A 66 19.26 7.22 0.89
CA PHE A 66 18.45 6.81 2.03
C PHE A 66 19.17 5.71 2.81
N SER A 67 19.29 5.90 4.12
CA SER A 67 19.95 4.93 4.98
C SER A 67 19.29 3.55 4.94
N GLY A 68 17.96 3.54 4.83
CA GLY A 68 17.24 2.28 4.77
C GLY A 68 16.28 2.14 5.95
N GLU A 69 16.40 3.04 6.93
CA GLU A 69 15.52 3.00 8.08
C GLU A 69 14.78 4.32 8.19
N ALA A 70 13.46 4.24 8.16
CA ALA A 70 12.64 5.44 8.26
C ALA A 70 12.50 5.85 9.73
N SER A 71 13.50 6.56 10.24
CA SER A 71 13.48 7.01 11.64
C SER A 71 13.54 8.54 11.71
N ARG A 72 13.17 9.08 12.88
CA ARG A 72 13.18 10.53 13.07
C ARG A 72 14.56 11.13 12.76
N ASN A 73 15.61 10.40 13.13
CA ASN A 73 16.96 10.87 12.89
C ASN A 73 17.25 11.01 11.40
N GLU A 74 16.98 9.95 10.63
CA GLU A 74 17.20 9.97 9.18
C GLU A 74 16.44 11.15 8.55
N VAL A 75 15.24 11.42 9.06
CA VAL A 75 14.41 12.53 8.58
C VAL A 75 15.05 13.88 8.95
N GLU A 76 15.65 13.95 10.13
CA GLU A 76 16.29 15.19 10.54
C GLU A 76 17.55 15.37 9.69
N ARG A 77 18.28 14.28 9.47
CA ARG A 77 19.49 14.33 8.67
C ARG A 77 19.21 14.86 7.28
N ILE A 78 18.28 14.21 6.57
CA ILE A 78 17.95 14.62 5.21
C ILE A 78 17.35 16.01 5.12
N ALA A 79 16.55 16.39 6.12
CA ALA A 79 15.91 17.71 6.10
C ALA A 79 16.93 18.85 6.18
N ASN A 80 18.06 18.61 6.84
CA ASN A 80 19.09 19.64 6.95
C ASN A 80 19.74 19.86 5.59
N ILE A 81 20.08 18.75 4.94
CA ILE A 81 20.69 18.81 3.62
C ILE A 81 19.81 19.65 2.68
N ALA A 82 18.52 19.37 2.66
CA ALA A 82 17.61 20.12 1.80
C ALA A 82 17.62 21.59 2.22
N ARG A 83 17.64 21.84 3.52
CA ARG A 83 17.68 23.21 4.03
C ARG A 83 18.88 23.92 3.42
N LYS A 84 20.05 23.35 3.66
CA LYS A 84 21.32 23.90 3.17
C LYS A 84 21.26 24.19 1.68
N ALA A 85 20.77 23.24 0.90
CA ALA A 85 20.67 23.44 -0.55
C ALA A 85 19.53 24.39 -0.90
N GLU A 86 18.73 24.73 0.11
CA GLU A 86 17.56 25.60 -0.06
C GLU A 86 16.65 25.10 -1.20
N ALA A 87 16.47 23.79 -1.23
CA ALA A 87 15.63 23.12 -2.22
C ALA A 87 14.16 23.28 -1.84
N ALA A 88 13.33 23.58 -2.82
CA ALA A 88 11.90 23.77 -2.59
C ALA A 88 11.02 22.59 -3.05
N ILE A 89 11.66 21.53 -3.53
CA ILE A 89 10.97 20.35 -4.06
C ILE A 89 11.64 19.08 -3.55
N VAL A 90 10.84 18.17 -2.99
CA VAL A 90 11.38 16.91 -2.50
C VAL A 90 10.88 15.80 -3.40
N ILE A 91 11.79 14.92 -3.82
CA ILE A 91 11.43 13.82 -4.71
C ILE A 91 11.82 12.50 -4.06
N GLY A 92 10.83 11.68 -3.75
CA GLY A 92 11.09 10.39 -3.12
C GLY A 92 10.93 9.33 -4.20
N VAL A 93 11.88 8.39 -4.25
CA VAL A 93 11.86 7.37 -5.28
C VAL A 93 12.15 6.00 -4.69
N GLY A 94 11.26 5.04 -4.93
CA GLY A 94 11.50 3.70 -4.43
C GLY A 94 10.33 3.04 -3.75
N GLY A 95 10.64 2.26 -2.72
CA GLY A 95 9.62 1.56 -1.98
C GLY A 95 9.06 2.28 -0.77
N GLY A 96 8.25 1.56 0.00
CA GLY A 96 7.59 2.10 1.17
C GLY A 96 8.34 3.01 2.12
N LYS A 97 9.37 2.49 2.78
CA LYS A 97 10.12 3.26 3.74
C LYS A 97 10.69 4.56 3.16
N THR A 98 11.21 4.50 1.95
CA THR A 98 11.76 5.70 1.33
C THR A 98 10.67 6.74 1.11
N LEU A 99 9.49 6.26 0.69
CA LEU A 99 8.39 7.18 0.38
C LEU A 99 7.82 7.82 1.64
N ASP A 100 7.72 7.06 2.71
CA ASP A 100 7.21 7.66 3.94
C ASP A 100 8.21 8.72 4.42
N THR A 101 9.48 8.36 4.41
CA THR A 101 10.53 9.30 4.83
C THR A 101 10.45 10.57 3.99
N ALA A 102 10.30 10.42 2.67
CA ALA A 102 10.23 11.59 1.83
C ALA A 102 9.05 12.48 2.23
N LYS A 103 7.94 11.85 2.62
CA LYS A 103 6.75 12.60 3.03
C LYS A 103 7.03 13.34 4.35
N ALA A 104 7.72 12.66 5.27
CA ALA A 104 8.05 13.31 6.55
C ALA A 104 8.93 14.52 6.26
N VAL A 105 9.94 14.33 5.40
CA VAL A 105 10.83 15.43 5.06
C VAL A 105 10.11 16.64 4.44
N ALA A 106 9.17 16.37 3.54
CA ALA A 106 8.45 17.47 2.89
C ALA A 106 7.64 18.31 3.88
N ASP A 107 7.11 17.66 4.90
CA ASP A 107 6.30 18.34 5.93
C ASP A 107 7.14 19.31 6.77
N GLU A 108 8.40 18.94 7.04
CA GLU A 108 9.35 19.77 7.80
C GLU A 108 9.70 21.04 7.04
N LEU A 109 9.92 20.90 5.74
CA LEU A 109 10.29 22.02 4.89
C LEU A 109 9.10 22.72 4.27
N ASP A 110 7.91 22.16 4.45
CA ASP A 110 6.70 22.72 3.81
C ASP A 110 6.94 22.74 2.28
N ALA A 111 7.68 21.74 1.81
CA ALA A 111 8.04 21.60 0.40
C ALA A 111 6.99 20.84 -0.45
N TYR A 112 7.06 21.06 -1.76
CA TYR A 112 6.19 20.41 -2.76
C TYR A 112 6.79 19.00 -2.84
N ILE A 113 5.94 17.98 -2.81
CA ILE A 113 6.45 16.62 -2.85
C ILE A 113 6.00 15.79 -4.04
N VAL A 114 6.96 15.12 -4.66
CA VAL A 114 6.72 14.25 -5.80
C VAL A 114 7.02 12.84 -5.30
N ILE A 115 6.11 11.89 -5.56
CA ILE A 115 6.25 10.50 -5.14
C ILE A 115 6.38 9.66 -6.42
N VAL A 116 7.45 8.87 -6.51
CA VAL A 116 7.72 8.09 -7.72
C VAL A 116 7.95 6.64 -7.29
N PRO A 117 6.91 5.81 -7.29
CA PRO A 117 7.13 4.42 -6.89
C PRO A 117 7.82 3.58 -7.97
N THR A 118 8.65 2.62 -7.55
CA THR A 118 9.32 1.73 -8.51
C THR A 118 8.71 0.33 -8.58
N ALA A 119 7.59 0.13 -7.89
CA ALA A 119 6.82 -1.12 -7.92
C ALA A 119 5.37 -0.75 -7.53
N ALA A 120 4.37 -1.46 -8.04
CA ALA A 120 2.98 -1.15 -7.69
C ALA A 120 2.66 -2.20 -6.65
N SER A 121 3.36 -2.14 -5.50
CA SER A 121 3.22 -3.17 -4.47
C SER A 121 2.34 -2.89 -3.24
N THR A 122 1.96 -1.63 -3.00
CA THR A 122 1.08 -1.30 -1.88
C THR A 122 0.32 -0.03 -2.29
N ASP A 123 -0.70 0.35 -1.54
CA ASP A 123 -1.40 1.57 -1.93
C ASP A 123 -1.03 2.75 -1.05
N ALA A 124 0.14 2.67 -0.42
CA ALA A 124 0.59 3.82 0.38
C ALA A 124 0.96 5.08 -0.43
N PRO A 125 1.40 4.93 -1.68
CA PRO A 125 1.78 6.13 -2.45
C PRO A 125 0.97 7.41 -2.44
N THR A 126 -0.34 7.30 -2.62
CA THR A 126 -1.19 8.49 -2.69
C THR A 126 -1.66 9.02 -1.32
N SER A 127 -1.42 8.24 -0.27
CA SER A 127 -2.00 8.58 1.02
C SER A 127 -1.32 9.65 1.82
N ALA A 128 -2.07 10.17 2.79
CA ALA A 128 -1.59 11.18 3.71
C ALA A 128 -1.20 10.49 5.01
N LEU A 129 -0.99 9.19 4.99
CA LEU A 129 -0.61 8.60 6.26
C LEU A 129 0.43 7.49 6.31
N SER A 130 0.90 7.22 7.53
CA SER A 130 1.90 6.17 7.73
C SER A 130 1.64 5.45 9.04
N VAL A 131 2.45 4.45 9.34
CA VAL A 131 2.29 3.67 10.56
C VAL A 131 3.41 3.88 11.55
N ILE A 132 3.04 4.11 12.81
CA ILE A 132 4.01 4.30 13.88
C ILE A 132 4.11 3.01 14.70
N TYR A 133 5.27 2.36 14.63
CA TYR A 133 5.55 1.12 15.36
C TYR A 133 6.12 1.39 16.75
N VAL A 138 6.44 -3.61 16.75
CA VAL A 138 4.97 -3.79 17.03
C VAL A 138 4.14 -2.54 16.75
N PHE A 139 3.29 -2.63 15.74
CA PHE A 139 2.44 -1.52 15.38
C PHE A 139 1.91 -0.77 16.61
N GLU A 140 1.95 0.57 16.59
CA GLU A 140 1.42 1.35 17.70
C GLU A 140 0.25 2.25 17.29
N SER A 141 0.32 2.85 16.11
CA SER A 141 -0.78 3.71 15.66
C SER A 141 -0.56 4.29 14.27
N TYR A 142 -1.60 4.92 13.73
CA TYR A 142 -1.53 5.57 12.42
C TYR A 142 -1.33 7.08 12.62
N ARG A 143 -0.40 7.67 11.88
CA ARG A 143 -0.17 9.11 11.98
C ARG A 143 -0.44 9.78 10.63
N PHE A 144 -1.01 10.98 10.66
CA PHE A 144 -1.26 11.71 9.42
C PHE A 144 -0.19 12.76 9.12
N TYR A 145 0.08 12.97 7.84
CA TYR A 145 1.02 13.99 7.42
C TYR A 145 0.12 15.20 7.23
N LYS A 146 0.70 16.36 6.94
CA LYS A 146 -0.09 17.59 6.77
C LYS A 146 -0.91 17.63 5.50
N LYS A 147 -0.48 16.86 4.50
CA LYS A 147 -1.16 16.79 3.20
C LYS A 147 -0.96 15.45 2.51
N ASN A 148 -1.74 15.22 1.46
CA ASN A 148 -1.60 14.04 0.60
C ASN A 148 -0.54 14.59 -0.37
N PRO A 149 0.22 13.72 -1.04
CA PRO A 149 1.25 14.18 -1.97
C PRO A 149 0.75 15.14 -3.06
N ASP A 150 1.64 16.03 -3.50
CA ASP A 150 1.32 16.98 -4.57
C ASP A 150 1.30 16.31 -5.94
N LEU A 151 2.27 15.42 -6.17
CA LEU A 151 2.35 14.78 -7.48
C LEU A 151 2.80 13.35 -7.28
N VAL A 152 2.03 12.41 -7.83
CA VAL A 152 2.37 10.97 -7.78
C VAL A 152 2.63 10.60 -9.26
N LEU A 153 3.85 10.14 -9.56
CA LEU A 153 4.29 9.82 -10.93
C LEU A 153 4.60 8.33 -11.05
N VAL A 154 3.80 7.67 -11.86
CA VAL A 154 3.89 6.23 -12.00
C VAL A 154 4.28 5.83 -13.41
N ASP A 155 5.49 5.26 -13.52
CA ASP A 155 6.01 4.85 -14.82
C ASP A 155 5.82 3.34 -15.00
N THR A 156 4.89 2.97 -15.88
CA THR A 156 4.59 1.56 -16.09
C THR A 156 5.76 0.76 -16.65
N LYS A 157 6.67 1.44 -17.34
CA LYS A 157 7.84 0.75 -17.89
C LYS A 157 8.72 0.25 -16.75
N ILE A 158 8.90 1.07 -15.73
CA ILE A 158 9.74 0.69 -14.58
C ILE A 158 9.10 -0.46 -13.85
N ILE A 159 7.78 -0.38 -13.72
CA ILE A 159 7.05 -1.40 -13.01
C ILE A 159 7.02 -2.74 -13.73
N ALA A 160 7.00 -2.73 -15.07
CA ALA A 160 6.98 -3.96 -15.86
C ALA A 160 8.32 -4.70 -15.69
N ASN A 161 9.30 -3.99 -15.15
CA ASN A 161 10.62 -4.60 -14.89
C ASN A 161 10.84 -5.04 -13.44
N ALA A 162 9.96 -4.61 -12.54
CA ALA A 162 10.08 -5.02 -11.15
C ALA A 162 9.68 -6.50 -11.05
N PRO A 163 10.06 -7.21 -9.98
CA PRO A 163 9.73 -8.63 -9.81
C PRO A 163 8.22 -8.91 -9.81
N PRO A 164 7.83 -10.01 -10.45
CA PRO A 164 6.42 -10.39 -10.52
C PRO A 164 5.83 -10.49 -9.10
N ARG A 165 6.62 -10.95 -8.15
CA ARG A 165 6.12 -11.09 -6.79
C ARG A 165 5.64 -9.75 -6.24
N LEU A 166 6.29 -8.65 -6.62
CA LEU A 166 5.85 -7.35 -6.11
C LEU A 166 4.54 -6.89 -6.75
N LEU A 167 4.25 -7.33 -7.96
CA LEU A 167 2.97 -6.92 -8.55
C LEU A 167 1.90 -7.72 -7.83
N ALA A 168 2.13 -9.03 -7.65
CA ALA A 168 1.15 -9.88 -6.97
C ALA A 168 0.85 -9.32 -5.58
N SER A 169 1.90 -8.83 -4.91
CA SER A 169 1.72 -8.22 -3.59
C SER A 169 0.80 -7.00 -3.70
N GLY A 170 1.01 -6.14 -4.70
CA GLY A 170 0.17 -4.97 -4.84
C GLY A 170 -1.28 -5.36 -5.12
N ILE A 171 -1.48 -6.43 -5.90
CA ILE A 171 -2.85 -6.87 -6.19
C ILE A 171 -3.52 -7.33 -4.89
N ALA A 172 -2.77 -8.07 -4.06
CA ALA A 172 -3.30 -8.54 -2.76
C ALA A 172 -3.76 -7.35 -1.90
N ASP A 173 -2.90 -6.37 -1.75
CA ASP A 173 -3.24 -5.20 -0.94
C ASP A 173 -4.47 -4.52 -1.57
N ALA A 174 -4.54 -4.47 -2.89
CA ALA A 174 -5.69 -3.79 -3.52
C ALA A 174 -6.99 -4.61 -3.43
N LEU A 175 -6.87 -5.94 -3.30
CA LEU A 175 -8.09 -6.79 -3.20
C LEU A 175 -8.74 -6.65 -1.84
N ALA A 176 -8.05 -6.03 -0.88
CA ALA A 176 -8.62 -5.82 0.44
C ALA A 176 -9.54 -4.58 0.42
N THR A 177 -9.30 -3.67 -0.52
CA THR A 177 -10.03 -2.40 -0.56
C THR A 177 -11.56 -2.45 -0.53
N TRP A 178 -12.18 -3.14 -1.49
CA TRP A 178 -13.65 -3.24 -1.49
C TRP A 178 -14.18 -4.04 -0.29
N VAL A 179 -13.50 -5.15 0.08
CA VAL A 179 -13.97 -5.95 1.19
C VAL A 179 -14.04 -5.08 2.44
N GLU A 180 -12.99 -4.29 2.68
CA GLU A 180 -12.99 -3.45 3.90
C GLU A 180 -13.92 -2.25 3.80
N ALA A 181 -13.87 -1.53 2.68
CA ALA A 181 -14.74 -0.35 2.52
C ALA A 181 -16.24 -0.77 2.60
N ARG A 182 -16.60 -1.85 1.91
CA ARG A 182 -17.99 -2.31 1.93
C ARG A 182 -18.44 -2.54 3.38
N SER A 183 -17.60 -3.14 4.20
CA SER A 183 -17.98 -3.38 5.59
C SER A 183 -18.16 -2.06 6.39
N VAL A 184 -17.38 -1.03 6.07
CA VAL A 184 -17.52 0.25 6.79
C VAL A 184 -18.80 0.98 6.36
N ILE A 185 -19.10 0.91 5.06
CA ILE A 185 -20.30 1.53 4.51
C ILE A 185 -21.54 0.87 5.14
N LYS A 186 -21.56 -0.46 5.19
CA LYS A 186 -22.73 -1.15 5.74
C LYS A 186 -22.96 -0.89 7.21
N SER A 187 -21.88 -0.76 7.98
CA SER A 187 -22.03 -0.54 9.41
C SER A 187 -22.10 0.92 9.83
N GLY A 188 -22.02 1.84 8.86
CA GLY A 188 -22.06 3.25 9.21
C GLY A 188 -20.84 3.78 9.97
N GLY A 189 -19.69 3.09 9.87
CA GLY A 189 -18.50 3.51 10.57
C GLY A 189 -17.77 4.65 9.85
N LYS A 190 -16.61 5.06 10.35
CA LYS A 190 -15.85 6.17 9.76
C LYS A 190 -14.66 5.66 8.98
N THR A 191 -14.15 6.52 8.11
CA THR A 191 -13.00 6.22 7.28
C THR A 191 -11.78 6.89 7.93
N MET A 192 -10.60 6.69 7.35
CA MET A 192 -9.39 7.28 7.90
C MET A 192 -9.48 8.80 7.67
N ALA A 193 -10.14 9.20 6.61
CA ALA A 193 -10.26 10.63 6.29
C ALA A 193 -11.08 11.42 7.31
N GLY A 194 -11.81 10.73 8.19
CA GLY A 194 -12.58 11.46 9.17
C GLY A 194 -14.10 11.38 9.22
N GLY A 195 -14.78 11.14 8.11
CA GLY A 195 -16.23 11.07 8.18
C GLY A 195 -16.76 9.77 7.66
N ILE A 196 -18.03 9.75 7.23
CA ILE A 196 -18.57 8.53 6.66
C ILE A 196 -18.09 8.55 5.19
N PRO A 197 -18.11 7.41 4.49
CA PRO A 197 -17.68 7.36 3.08
C PRO A 197 -18.57 8.17 2.10
N THR A 198 -17.96 8.78 1.09
CA THR A 198 -18.72 9.50 0.08
C THR A 198 -19.16 8.42 -0.93
N ILE A 199 -20.06 8.81 -1.82
CA ILE A 199 -20.48 7.92 -2.89
C ILE A 199 -19.27 7.76 -3.84
N ALA A 200 -18.46 8.82 -3.98
CA ALA A 200 -17.29 8.73 -4.85
C ALA A 200 -16.36 7.58 -4.38
N ALA A 201 -16.08 7.53 -3.09
CA ALA A 201 -15.18 6.49 -2.59
C ALA A 201 -15.79 5.09 -2.79
N GLU A 202 -17.10 4.98 -2.62
CA GLU A 202 -17.74 3.68 -2.81
C GLU A 202 -17.62 3.20 -4.27
N ALA A 203 -17.79 4.12 -5.22
CA ALA A 203 -17.70 3.80 -6.66
C ALA A 203 -16.27 3.37 -7.04
N ILE A 204 -15.29 4.07 -6.48
CA ILE A 204 -13.88 3.79 -6.73
C ILE A 204 -13.47 2.41 -6.16
N ALA A 205 -13.84 2.16 -4.91
CA ALA A 205 -13.47 0.88 -4.26
C ALA A 205 -14.15 -0.31 -4.94
N GLU A 206 -15.41 -0.13 -5.33
CA GLU A 206 -16.06 -1.24 -5.99
C GLU A 206 -15.44 -1.49 -7.39
N LYS A 207 -15.10 -0.43 -8.08
CA LYS A 207 -14.49 -0.56 -9.40
C LYS A 207 -13.08 -1.22 -9.29
N CYS A 208 -12.42 -0.94 -8.18
CA CYS A 208 -11.10 -1.49 -7.92
C CYS A 208 -11.16 -3.03 -7.98
N GLU A 209 -12.11 -3.63 -7.26
CA GLU A 209 -12.25 -5.07 -7.28
C GLU A 209 -12.60 -5.59 -8.68
N GLN A 210 -13.56 -4.96 -9.35
CA GLN A 210 -13.92 -5.46 -10.69
C GLN A 210 -12.71 -5.45 -11.63
N THR A 211 -11.88 -4.41 -11.54
CA THR A 211 -10.72 -4.32 -12.39
C THR A 211 -9.69 -5.47 -12.13
N LEU A 212 -9.45 -5.78 -10.87
CA LEU A 212 -8.50 -6.82 -10.49
C LEU A 212 -8.95 -8.19 -10.95
N PHE A 213 -10.23 -8.51 -10.79
CA PHE A 213 -10.72 -9.80 -11.22
C PHE A 213 -10.65 -9.91 -12.77
N LYS A 214 -10.84 -8.80 -13.47
CA LYS A 214 -10.83 -8.88 -14.92
C LYS A 214 -9.45 -8.94 -15.56
N TYR A 215 -8.53 -8.14 -15.02
CA TYR A 215 -7.18 -8.05 -15.60
C TYR A 215 -6.02 -8.53 -14.76
N GLY A 216 -6.26 -8.89 -13.50
CA GLY A 216 -5.18 -9.28 -12.61
C GLY A 216 -4.17 -10.30 -13.14
N LYS A 217 -4.67 -11.44 -13.62
CA LYS A 217 -3.83 -12.51 -14.16
C LYS A 217 -3.08 -12.06 -15.43
N LEU A 218 -3.76 -11.37 -16.33
CA LEU A 218 -3.10 -10.90 -17.57
C LEU A 218 -2.00 -9.91 -17.17
N ALA A 219 -2.25 -9.10 -16.14
CA ALA A 219 -1.23 -8.13 -15.69
C ALA A 219 -0.03 -8.89 -15.11
N TYR A 220 -0.29 -9.95 -14.39
CA TYR A 220 0.78 -10.75 -13.77
C TYR A 220 1.66 -11.39 -14.85
N GLU A 221 1.03 -11.94 -15.90
CA GLU A 221 1.76 -12.53 -17.03
C GLU A 221 2.57 -11.46 -17.80
N SER A 222 2.00 -10.28 -17.95
CA SER A 222 2.70 -9.18 -18.65
C SER A 222 4.05 -8.91 -17.96
N VAL A 223 4.01 -8.82 -16.63
CA VAL A 223 5.21 -8.54 -15.83
C VAL A 223 6.23 -9.68 -15.92
N LYS A 224 5.76 -10.92 -15.93
CA LYS A 224 6.66 -12.04 -16.08
C LYS A 224 7.46 -11.89 -17.37
N ALA A 225 6.83 -11.37 -18.43
CA ALA A 225 7.53 -11.17 -19.71
C ALA A 225 8.14 -9.77 -19.88
N LYS A 226 8.07 -8.97 -18.80
CA LYS A 226 8.58 -7.60 -18.81
C LYS A 226 8.05 -6.70 -19.93
N VAL A 227 6.75 -6.78 -20.18
CA VAL A 227 6.15 -5.93 -21.22
C VAL A 227 4.98 -5.09 -20.66
N VAL A 228 4.74 -3.93 -21.27
CA VAL A 228 3.66 -3.05 -20.83
C VAL A 228 2.47 -3.30 -21.76
N THR A 229 1.30 -3.60 -21.17
CA THR A 229 0.08 -3.86 -21.88
C THR A 229 -1.07 -3.07 -21.22
N PRO A 230 -2.22 -3.00 -21.89
CA PRO A 230 -3.40 -2.30 -21.38
C PRO A 230 -3.83 -2.99 -20.07
N ALA A 231 -3.64 -4.31 -19.98
CA ALA A 231 -4.06 -5.01 -18.79
C ALA A 231 -3.17 -4.55 -17.64
N LEU A 232 -1.86 -4.39 -17.92
CA LEU A 232 -0.95 -3.91 -16.87
C LEU A 232 -1.26 -2.45 -16.49
N GLU A 233 -1.58 -1.61 -17.47
CA GLU A 233 -1.90 -0.22 -17.16
C GLU A 233 -3.13 -0.16 -16.23
N ALA A 234 -4.14 -0.98 -16.52
CA ALA A 234 -5.35 -1.00 -15.68
C ALA A 234 -5.04 -1.47 -14.26
N VAL A 235 -4.27 -2.54 -14.13
CA VAL A 235 -3.97 -3.06 -12.78
C VAL A 235 -3.05 -2.12 -11.95
N VAL A 236 -2.12 -1.45 -12.62
CA VAL A 236 -1.26 -0.52 -11.92
C VAL A 236 -2.13 0.65 -11.42
N GLU A 237 -3.11 1.09 -12.21
CA GLU A 237 -3.97 2.17 -11.73
C GLU A 237 -4.78 1.62 -10.53
N ALA A 238 -5.31 0.41 -10.64
CA ALA A 238 -6.06 -0.13 -9.49
C ALA A 238 -5.23 -0.25 -8.19
N ASN A 239 -4.01 -0.76 -8.33
CA ASN A 239 -3.14 -0.95 -7.18
C ASN A 239 -2.70 0.34 -6.53
N THR A 240 -2.71 1.42 -7.30
CA THR A 240 -2.19 2.70 -6.81
C THR A 240 -3.21 3.80 -6.54
N LEU A 241 -3.90 4.24 -7.59
CA LEU A 241 -4.90 5.30 -7.43
C LEU A 241 -6.24 4.76 -6.88
N LEU A 242 -6.82 3.69 -7.43
CA LEU A 242 -8.13 3.20 -6.89
C LEU A 242 -8.00 2.68 -5.45
N SER A 243 -7.00 1.84 -5.22
CA SER A 243 -6.80 1.23 -3.93
C SER A 243 -6.40 2.30 -2.90
N GLY A 244 -5.63 3.29 -3.35
CA GLY A 244 -5.23 4.36 -2.45
C GLY A 244 -6.40 5.21 -1.92
N LEU A 245 -7.24 5.72 -2.83
CA LEU A 245 -8.38 6.54 -2.46
C LEU A 245 -9.42 5.65 -1.73
N GLY A 246 -9.54 4.42 -2.20
CA GLY A 246 -10.53 3.51 -1.64
C GLY A 246 -10.30 3.18 -0.17
N PHE A 247 -9.06 2.96 0.22
CA PHE A 247 -8.86 2.59 1.59
C PHE A 247 -8.84 3.81 2.52
N GLU A 248 -8.26 4.89 2.04
CA GLU A 248 -8.15 6.12 2.81
C GLU A 248 -9.48 6.79 2.98
N SER A 249 -10.17 7.04 1.86
CA SER A 249 -11.48 7.69 1.93
C SER A 249 -12.68 6.73 1.93
N GLY A 250 -12.41 5.43 1.87
CA GLY A 250 -13.48 4.42 1.84
C GLY A 250 -13.55 3.69 3.17
N GLY A 251 -12.42 3.49 3.82
CA GLY A 251 -12.41 2.86 5.13
C GLY A 251 -11.62 1.58 5.28
N LEU A 252 -10.96 1.41 6.43
CA LEU A 252 -10.24 0.16 6.78
C LEU A 252 -11.11 -0.59 7.81
N ALA A 253 -10.86 -1.88 7.96
CA ALA A 253 -11.63 -2.71 8.87
C ALA A 253 -10.80 -3.84 9.44
N ALA A 254 -11.22 -5.07 9.25
CA ALA A 254 -10.49 -6.15 9.86
C ALA A 254 -9.22 -6.62 9.15
N ALA A 255 -9.23 -6.64 7.82
CA ALA A 255 -8.04 -7.14 7.11
C ALA A 255 -6.71 -6.49 7.52
N HIS A 256 -6.66 -5.15 7.54
CA HIS A 256 -5.41 -4.47 7.92
C HIS A 256 -5.16 -4.54 9.42
N ALA A 257 -6.20 -4.74 10.22
CA ALA A 257 -5.96 -4.88 11.66
C ALA A 257 -5.24 -6.22 11.88
N ILE A 258 -5.59 -7.23 11.09
CA ILE A 258 -4.93 -8.53 11.24
C ILE A 258 -3.46 -8.37 10.80
N HIS A 259 -3.24 -7.61 9.74
CA HIS A 259 -1.87 -7.37 9.28
C HIS A 259 -1.08 -6.78 10.46
N ASN A 260 -1.62 -5.75 11.09
CA ASN A 260 -0.94 -5.13 12.23
C ASN A 260 -0.72 -6.11 13.37
N GLY A 261 -1.72 -6.93 13.66
CA GLY A 261 -1.61 -7.91 14.72
C GLY A 261 -0.43 -8.86 14.55
N PHE A 262 0.04 -9.06 13.32
CA PHE A 262 1.19 -9.95 13.14
C PHE A 262 2.48 -9.33 13.73
N THR A 263 2.54 -8.02 13.89
CA THR A 263 3.76 -7.44 14.45
C THR A 263 3.94 -7.87 15.92
N ALA A 264 2.93 -8.53 16.49
CA ALA A 264 3.04 -8.99 17.88
C ALA A 264 3.89 -10.24 17.97
N LEU A 265 4.22 -10.83 16.83
CA LEU A 265 5.03 -12.03 16.82
C LEU A 265 6.40 -11.76 16.23
N GLU A 266 7.39 -12.59 16.57
CA GLU A 266 8.74 -12.46 16.00
C GLU A 266 8.91 -13.68 15.11
N GLY A 267 9.81 -13.60 14.12
CA GLY A 267 9.99 -14.76 13.26
C GLY A 267 10.07 -14.45 11.78
N GLU A 268 10.14 -15.52 10.99
CA GLU A 268 10.28 -15.41 9.55
C GLU A 268 9.08 -14.79 8.82
N ILE A 269 7.93 -14.76 9.48
CA ILE A 269 6.75 -14.18 8.88
C ILE A 269 7.09 -12.75 8.47
N HIS A 270 8.02 -12.11 9.20
CA HIS A 270 8.33 -10.72 8.88
C HIS A 270 9.17 -10.41 7.65
N HIS A 271 9.50 -11.45 6.89
CA HIS A 271 10.18 -11.28 5.62
C HIS A 271 9.13 -11.17 4.48
N LEU A 272 7.85 -11.49 4.78
CA LEU A 272 6.81 -11.44 3.73
C LEU A 272 6.49 -9.98 3.44
N THR A 273 5.92 -9.69 2.29
CA THR A 273 5.59 -8.30 1.95
C THR A 273 4.29 -7.88 2.63
N HIS A 274 4.03 -6.58 2.64
CA HIS A 274 2.82 -6.06 3.24
C HIS A 274 1.64 -6.75 2.55
N GLY A 275 1.70 -6.82 1.21
CA GLY A 275 0.63 -7.46 0.45
C GLY A 275 0.36 -8.92 0.79
N GLU A 276 1.41 -9.74 0.85
CA GLU A 276 1.20 -11.15 1.19
C GLU A 276 0.52 -11.30 2.57
N LYS A 277 0.84 -10.44 3.54
CA LYS A 277 0.18 -10.54 4.84
C LYS A 277 -1.30 -10.11 4.73
N VAL A 278 -1.56 -9.11 3.89
CA VAL A 278 -2.93 -8.60 3.74
C VAL A 278 -3.86 -9.61 3.09
N ALA A 279 -3.30 -10.47 2.24
CA ALA A 279 -4.07 -11.52 1.55
C ALA A 279 -4.70 -12.43 2.59
N PHE A 280 -3.87 -12.93 3.51
CA PHE A 280 -4.40 -13.83 4.52
C PHE A 280 -5.39 -13.05 5.39
N GLY A 281 -5.05 -11.79 5.69
CA GLY A 281 -5.91 -10.97 6.52
C GLY A 281 -7.30 -10.77 5.90
N THR A 282 -7.33 -10.73 4.56
CA THR A 282 -8.60 -10.56 3.85
C THR A 282 -9.43 -11.82 4.00
N LEU A 283 -8.78 -12.99 3.88
CA LEU A 283 -9.50 -14.25 4.07
C LEU A 283 -10.08 -14.30 5.47
N VAL A 284 -9.37 -13.76 6.46
CA VAL A 284 -9.91 -13.76 7.82
C VAL A 284 -11.18 -12.84 7.93
N GLN A 285 -11.16 -11.65 7.32
CA GLN A 285 -12.37 -10.82 7.39
C GLN A 285 -13.55 -11.56 6.73
N LEU A 286 -13.33 -12.22 5.58
CA LEU A 286 -14.40 -12.95 4.91
C LEU A 286 -14.97 -14.06 5.83
N ALA A 287 -14.11 -14.70 6.63
CA ALA A 287 -14.56 -15.79 7.54
C ALA A 287 -15.39 -15.24 8.72
N LEU A 288 -15.22 -13.95 9.01
CA LEU A 288 -15.96 -13.27 10.09
C LEU A 288 -17.28 -12.70 9.56
N GLU A 289 -17.46 -12.73 8.25
CA GLU A 289 -18.69 -12.24 7.60
C GLU A 289 -19.59 -13.43 7.18
N GLU A 290 -20.73 -13.15 6.58
CA GLU A 290 -21.65 -14.20 6.18
C GLU A 290 -21.62 -14.46 4.68
N HIS A 291 -20.64 -15.24 4.23
CA HIS A 291 -20.50 -15.54 2.81
C HIS A 291 -20.66 -17.03 2.64
N SER A 292 -21.15 -17.42 1.46
CA SER A 292 -21.30 -18.83 1.11
C SER A 292 -19.92 -19.39 0.76
N GLN A 293 -19.83 -20.71 0.67
CA GLN A 293 -18.54 -21.32 0.31
C GLN A 293 -18.04 -20.82 -1.06
N GLN A 294 -18.93 -20.76 -2.04
CA GLN A 294 -18.52 -20.31 -3.38
C GLN A 294 -17.95 -18.90 -3.38
N GLU A 295 -18.53 -18.01 -2.59
CA GLU A 295 -18.04 -16.64 -2.57
C GLU A 295 -16.61 -16.57 -1.99
N ILE A 296 -16.35 -17.32 -0.92
CA ILE A 296 -15.01 -17.30 -0.35
C ILE A 296 -14.01 -17.93 -1.32
N GLU A 297 -14.38 -19.05 -1.93
CA GLU A 297 -13.46 -19.72 -2.88
C GLU A 297 -13.11 -18.87 -4.10
N ARG A 298 -13.95 -17.92 -4.42
CA ARG A 298 -13.69 -17.05 -5.56
C ARG A 298 -12.39 -16.27 -5.31
N TYR A 299 -12.17 -15.86 -4.06
CA TYR A 299 -10.96 -15.13 -3.67
C TYR A 299 -9.78 -16.11 -3.54
N ILE A 300 -10.01 -17.23 -2.86
CA ILE A 300 -8.93 -18.21 -2.69
C ILE A 300 -8.34 -18.62 -4.03
N GLU A 301 -9.21 -18.89 -4.99
CA GLU A 301 -8.73 -19.27 -6.31
C GLU A 301 -7.83 -18.20 -6.93
N LEU A 302 -8.25 -16.94 -6.92
CA LEU A 302 -7.43 -15.89 -7.52
C LEU A 302 -6.04 -15.79 -6.80
N TYR A 303 -6.04 -15.87 -5.46
CA TYR A 303 -4.76 -15.79 -4.71
C TYR A 303 -3.77 -16.88 -5.16
N LEU A 304 -4.25 -18.13 -5.23
CA LEU A 304 -3.41 -19.24 -5.69
C LEU A 304 -2.86 -19.01 -7.09
N CYS A 305 -3.68 -18.43 -7.96
CA CYS A 305 -3.26 -18.15 -9.34
C CYS A 305 -2.10 -17.15 -9.33
N LEU A 306 -2.05 -16.30 -8.31
CA LEU A 306 -1.00 -15.30 -8.21
C LEU A 306 0.12 -15.71 -7.24
N ASP A 307 0.09 -16.97 -6.80
CA ASP A 307 1.10 -17.52 -5.90
C ASP A 307 1.18 -16.75 -4.59
N LEU A 308 0.04 -16.32 -4.09
CA LEU A 308 -0.04 -15.59 -2.83
C LEU A 308 -0.41 -16.62 -1.76
N PRO A 309 -0.09 -16.32 -0.48
CA PRO A 309 -0.37 -17.20 0.66
C PRO A 309 -1.82 -17.27 1.10
N VAL A 310 -2.28 -18.49 1.42
CA VAL A 310 -3.65 -18.64 1.88
C VAL A 310 -3.80 -19.52 3.10
N THR A 311 -2.69 -20.04 3.65
CA THR A 311 -2.76 -20.89 4.86
C THR A 311 -1.78 -20.39 5.92
N LEU A 312 -1.90 -20.85 7.16
CA LEU A 312 -0.98 -20.37 8.18
C LEU A 312 0.41 -20.88 7.77
N GLU A 313 0.47 -22.09 7.23
CA GLU A 313 1.76 -22.60 6.80
C GLU A 313 2.42 -21.66 5.76
N ASP A 314 1.64 -21.14 4.81
CA ASP A 314 2.19 -20.25 3.80
C ASP A 314 2.75 -18.98 4.43
N ILE A 315 2.15 -18.52 5.54
CA ILE A 315 2.68 -17.29 6.13
C ILE A 315 3.71 -17.54 7.24
N LYS A 316 4.37 -18.71 7.19
CA LYS A 316 5.41 -19.07 8.14
C LYS A 316 4.95 -19.30 9.57
N LEU A 317 3.70 -19.74 9.73
CA LEU A 317 3.17 -19.99 11.08
C LEU A 317 2.62 -21.41 11.21
N LYS A 318 3.22 -22.33 10.48
CA LYS A 318 2.86 -23.75 10.51
C LYS A 318 2.73 -24.27 11.97
N ASP A 319 1.66 -25.01 12.25
CA ASP A 319 1.44 -25.55 13.59
C ASP A 319 1.51 -24.52 14.72
N ALA A 320 1.12 -23.27 14.46
CA ALA A 320 1.14 -22.23 15.49
C ALA A 320 0.21 -22.65 16.62
N SER A 321 0.53 -22.19 17.82
CA SER A 321 -0.27 -22.53 19.00
C SER A 321 -1.43 -21.56 19.19
N ARG A 322 -2.46 -22.01 19.89
CA ARG A 322 -3.58 -21.13 20.18
C ARG A 322 -3.05 -19.86 20.87
N GLU A 323 -2.07 -20.04 21.74
CA GLU A 323 -1.49 -18.90 22.48
C GLU A 323 -0.83 -17.91 21.54
N ASP A 324 -0.16 -18.40 20.52
CA ASP A 324 0.48 -17.51 19.56
C ASP A 324 -0.59 -16.73 18.78
N ILE A 325 -1.61 -17.44 18.33
CA ILE A 325 -2.68 -16.79 17.56
C ILE A 325 -3.43 -15.80 18.44
N LEU A 326 -3.60 -16.10 19.71
CA LEU A 326 -4.28 -15.13 20.58
C LEU A 326 -3.52 -13.80 20.68
N LYS A 327 -2.19 -13.85 20.59
CA LYS A 327 -1.39 -12.62 20.67
C LYS A 327 -1.72 -11.74 19.50
N VAL A 328 -1.78 -12.33 18.30
CA VAL A 328 -2.14 -11.60 17.07
C VAL A 328 -3.56 -11.01 17.23
N ALA A 329 -4.49 -11.86 17.72
CA ALA A 329 -5.90 -11.45 17.91
C ALA A 329 -6.06 -10.30 18.90
N LYS A 330 -5.31 -10.37 20.01
CA LYS A 330 -5.39 -9.31 21.01
C LYS A 330 -4.88 -8.03 20.43
N ALA A 331 -3.78 -8.09 19.66
CA ALA A 331 -3.24 -6.85 19.06
C ALA A 331 -4.19 -6.30 18.02
N ALA A 332 -4.77 -7.17 17.19
CA ALA A 332 -5.71 -6.74 16.15
C ALA A 332 -6.99 -6.12 16.70
N THR A 333 -7.41 -6.52 17.91
CA THR A 333 -8.62 -5.93 18.49
C THR A 333 -8.31 -4.84 19.51
N ALA A 334 -7.07 -4.37 19.53
CA ALA A 334 -6.67 -3.31 20.45
C ALA A 334 -7.59 -2.10 20.34
N GLU A 335 -7.65 -1.31 21.40
CA GLU A 335 -8.49 -0.13 21.37
C GLU A 335 -7.92 0.75 20.28
N GLY A 336 -8.78 1.32 19.45
CA GLY A 336 -8.28 2.18 18.39
C GLY A 336 -7.96 1.50 17.05
N GLU A 337 -7.95 0.16 16.99
CA GLU A 337 -7.68 -0.50 15.71
C GLU A 337 -8.90 -0.34 14.79
N THR A 338 -8.72 -0.54 13.49
CA THR A 338 -9.80 -0.33 12.53
C THR A 338 -10.89 -1.40 12.51
N ILE A 339 -10.62 -2.58 13.08
CA ILE A 339 -11.63 -3.65 13.09
C ILE A 339 -12.94 -3.14 13.73
N HIS A 340 -12.82 -2.27 14.75
CA HIS A 340 -13.99 -1.73 15.45
C HIS A 340 -14.87 -0.82 14.56
N ASN A 341 -14.35 -0.38 13.42
CA ASN A 341 -15.16 0.47 12.54
C ASN A 341 -16.25 -0.32 11.86
N ALA A 342 -16.14 -1.64 11.87
CA ALA A 342 -17.14 -2.43 11.19
C ALA A 342 -17.59 -3.69 11.88
N PHE A 343 -16.94 -4.05 13.00
CA PHE A 343 -17.29 -5.28 13.72
C PHE A 343 -17.38 -5.09 15.23
N ASN A 344 -18.15 -5.98 15.84
CA ASN A 344 -18.26 -5.98 17.27
C ASN A 344 -17.76 -7.38 17.62
N VAL A 345 -16.45 -7.54 17.76
CA VAL A 345 -15.91 -8.86 18.07
C VAL A 345 -14.87 -8.83 19.17
N THR A 346 -14.63 -9.99 19.78
CA THR A 346 -13.65 -10.09 20.87
C THR A 346 -12.38 -10.73 20.31
N ALA A 347 -11.29 -10.66 21.06
CA ALA A 347 -10.06 -11.30 20.62
C ALA A 347 -10.30 -12.78 20.33
N ASP A 348 -11.10 -13.42 21.17
CA ASP A 348 -11.38 -14.86 21.00
C ASP A 348 -12.11 -15.15 19.70
N ASP A 349 -13.06 -14.28 19.32
CA ASP A 349 -13.75 -14.46 18.05
C ASP A 349 -12.73 -14.41 16.90
N VAL A 350 -11.84 -13.43 16.95
CA VAL A 350 -10.84 -13.24 15.90
C VAL A 350 -9.81 -14.40 15.83
N ALA A 351 -9.41 -14.92 16.99
CA ALA A 351 -8.49 -16.06 17.00
C ALA A 351 -9.21 -17.21 16.25
N ASP A 352 -10.48 -17.44 16.62
CA ASP A 352 -11.28 -18.48 15.98
C ASP A 352 -11.35 -18.28 14.43
N ALA A 353 -11.55 -17.04 13.99
CA ALA A 353 -11.63 -16.75 12.55
C ALA A 353 -10.29 -17.01 11.84
N ILE A 354 -9.18 -16.79 12.55
CA ILE A 354 -7.86 -17.06 11.93
C ILE A 354 -7.72 -18.57 11.63
N PHE A 355 -8.07 -19.44 12.58
CA PHE A 355 -8.00 -20.86 12.30
C PHE A 355 -9.07 -21.30 11.26
N ALA A 356 -10.24 -20.63 11.22
CA ALA A 356 -11.27 -21.03 10.24
C ALA A 356 -10.77 -20.75 8.82
N ALA A 357 -10.17 -19.56 8.61
CA ALA A 357 -9.68 -19.21 7.27
C ALA A 357 -8.64 -20.24 6.82
N ASP A 358 -7.75 -20.57 7.74
CA ASP A 358 -6.73 -21.59 7.41
C ASP A 358 -7.43 -22.88 6.99
N GLN A 359 -8.42 -23.30 7.79
CA GLN A 359 -9.13 -24.54 7.50
C GLN A 359 -9.90 -24.48 6.18
N TYR A 360 -10.59 -23.37 5.90
CA TYR A 360 -11.33 -23.24 4.65
C TYR A 360 -10.42 -23.37 3.43
N ALA A 361 -9.24 -22.77 3.52
CA ALA A 361 -8.27 -22.79 2.43
C ALA A 361 -7.72 -24.21 2.23
N LYS A 362 -7.40 -24.89 3.32
CA LYS A 362 -6.90 -26.25 3.17
C LYS A 362 -7.97 -27.09 2.50
N ALA A 363 -9.25 -26.91 2.89
CA ALA A 363 -10.35 -27.69 2.31
C ALA A 363 -10.46 -27.46 0.81
N TYR A 364 -10.23 -26.22 0.39
CA TYR A 364 -10.27 -25.91 -1.02
C TYR A 364 -9.12 -26.61 -1.75
N LYS A 365 -7.91 -26.53 -1.19
CA LYS A 365 -6.73 -27.17 -1.78
C LYS A 365 -6.92 -28.67 -1.85
N GLU A 366 -7.54 -29.24 -0.82
CA GLU A 366 -7.80 -30.68 -0.81
C GLU A 366 -8.89 -31.02 -1.83
N LYS A 367 -9.05 -30.16 -2.83
CA LYS A 367 -10.04 -30.37 -3.90
C LYS A 367 -9.40 -30.13 -5.28
ZN ZN B . -2.35 -2.17 2.77
ZN ZN C . 14.83 -14.22 9.11
C1 GOL D . -3.50 0.40 3.40
C1 GOL D . -2.15 1.83 4.94
O1 GOL D . -3.37 -0.49 2.28
O1 GOL D . -0.96 1.87 5.73
C2 GOL D . -2.06 0.72 3.97
C2 GOL D . -1.96 0.75 3.80
O2 GOL D . -1.36 -0.51 4.21
O2 GOL D . -1.10 1.31 2.73
C3 GOL D . -2.17 1.52 5.30
C3 GOL D . -3.37 0.36 3.23
O3 GOL D . -0.98 2.26 5.62
O3 GOL D . -3.32 -0.58 2.14
#